data_1XXW
#
_entry.id   1XXW
#
_cell.length_a   65.467
_cell.length_b   65.467
_cell.length_c   58.427
_cell.angle_alpha   90.00
_cell.angle_beta   90.00
_cell.angle_gamma   90.00
#
_symmetry.space_group_name_H-M   'P 41'
#
loop_
_entity.id
_entity.type
_entity.pdbx_description
1 polymer 'Phospholipase A2 isoform 1'
2 polymer 'Phospholipase A2 isoform 2'
3 non-polymer 'ZINC ION'
4 non-polymer 'ACETIC ACID'
5 water water
#
loop_
_entity_poly.entity_id
_entity_poly.type
_entity_poly.pdbx_seq_one_letter_code
_entity_poly.pdbx_strand_id
1 'polypeptide(L)'
;NTYQFKNMIQCTVPKRSWWDFADYGCYCGRGGSGTPIDDLDRCCQVHDNCYNSAREQGGCRPKQKTYSYECKAGTLSCSG
SNNSCAATVCDCDRLAAICFAGAPYNDNNYNIDLKARCQ
;
A
2 'polypeptide(L)'
;NRWQFKNMISCTVPSRSWWDFADYGCYCGRGGSGTPVDDLDRCCQVHDNCYNEAEKISGCNPRFRTYSYECTAGTLTCTG
RNNACAASVCDCDRLAAICFAGAPYNDNNYNIDLQARCN
;
B
#
loop_
_chem_comp.id
_chem_comp.type
_chem_comp.name
_chem_comp.formula
ACY non-polymer 'ACETIC ACID' 'C2 H4 O2'
ZN non-polymer 'ZINC ION' 'Zn 2'
#
# COMPACT_ATOMS: atom_id res chain seq x y z
N ASN A 1 -15.02 -2.63 0.48
CA ASN A 1 -13.71 -3.30 0.45
C ASN A 1 -13.10 -3.30 -0.96
N THR A 2 -11.94 -3.92 -1.08
CA THR A 2 -11.23 -4.00 -2.34
C THR A 2 -12.01 -4.69 -3.43
N TYR A 3 -12.61 -5.83 -3.10
CA TYR A 3 -13.38 -6.55 -4.10
C TYR A 3 -14.51 -5.68 -4.57
N GLN A 4 -14.99 -4.82 -3.68
CA GLN A 4 -16.07 -3.90 -4.02
C GLN A 4 -15.47 -2.77 -4.84
N PHE A 5 -14.35 -2.26 -4.38
CA PHE A 5 -13.71 -1.18 -5.08
C PHE A 5 -13.32 -1.59 -6.49
N LYS A 6 -12.75 -2.78 -6.63
CA LYS A 6 -12.34 -3.18 -7.97
C LYS A 6 -13.54 -3.55 -8.83
N ASN A 7 -14.65 -3.89 -8.19
CA ASN A 7 -15.83 -4.22 -8.97
C ASN A 7 -16.37 -2.90 -9.51
N MET A 8 -16.12 -1.81 -8.78
CA MET A 8 -16.54 -0.48 -9.20
C MET A 8 -15.76 -0.09 -10.46
N ILE A 9 -14.46 -0.30 -10.40
CA ILE A 9 -13.58 0.02 -11.53
C ILE A 9 -14.02 -0.74 -12.79
N GLN A 10 -14.47 -1.97 -12.62
CA GLN A 10 -14.92 -2.77 -13.76
C GLN A 10 -16.17 -2.16 -14.36
N CYS A 11 -16.91 -1.45 -13.50
CA CYS A 11 -18.17 -0.80 -13.86
C CYS A 11 -18.02 0.38 -14.81
N THR A 12 -17.07 1.26 -14.50
CA THR A 12 -16.80 2.48 -15.28
C THR A 12 -15.64 2.39 -16.25
N VAL A 13 -14.94 1.26 -16.25
CA VAL A 13 -13.79 1.09 -17.14
C VAL A 13 -13.75 -0.36 -17.66
N PRO A 14 -14.87 -0.82 -18.25
CA PRO A 14 -15.07 -2.17 -18.81
C PRO A 14 -14.01 -2.62 -19.80
N LYS A 15 -13.44 -1.68 -20.55
CA LYS A 15 -12.43 -2.04 -21.53
C LYS A 15 -11.04 -2.14 -20.90
N ARG A 16 -10.97 -2.21 -19.57
CA ARG A 16 -9.66 -2.32 -18.93
C ARG A 16 -9.67 -3.11 -17.62
N SER A 17 -8.75 -4.05 -17.47
CA SER A 17 -8.69 -4.85 -16.26
C SER A 17 -8.13 -4.04 -15.11
N TRP A 18 -8.68 -4.22 -13.92
CA TRP A 18 -8.24 -3.46 -12.77
C TRP A 18 -6.74 -3.54 -12.52
N TRP A 19 -6.11 -4.65 -12.94
CA TRP A 19 -4.67 -4.79 -12.76
C TRP A 19 -3.90 -3.63 -13.42
N ASP A 20 -4.51 -3.01 -14.43
CA ASP A 20 -3.86 -1.90 -15.13
C ASP A 20 -3.64 -0.70 -14.21
N PHE A 21 -4.43 -0.64 -13.15
CA PHE A 21 -4.33 0.44 -12.18
C PHE A 21 -3.64 -0.04 -10.89
N ALA A 22 -3.02 -1.21 -10.93
CA ALA A 22 -2.37 -1.75 -9.73
C ALA A 22 -0.91 -1.31 -9.57
N ASP A 23 -0.34 -0.79 -10.65
CA ASP A 23 1.04 -0.31 -10.63
C ASP A 23 1.19 0.81 -11.66
N TYR A 24 0.42 1.87 -11.49
CA TYR A 24 0.45 2.99 -12.43
C TYR A 24 0.98 4.25 -11.76
N GLY A 25 1.86 4.96 -12.43
CA GLY A 25 2.42 6.17 -11.87
C GLY A 25 3.05 5.94 -10.51
N CYS A 26 3.14 6.99 -9.71
CA CYS A 26 3.74 6.89 -8.39
C CYS A 26 2.72 6.64 -7.29
N TYR A 27 1.44 6.63 -7.64
CA TYR A 27 0.42 6.46 -6.61
C TYR A 27 -0.63 5.40 -6.83
N CYS A 28 -0.76 4.89 -8.04
CA CYS A 28 -1.77 3.89 -8.26
C CYS A 28 -1.33 2.51 -7.84
N GLY A 29 -2.13 1.90 -6.99
CA GLY A 29 -1.85 0.56 -6.50
C GLY A 29 -0.95 0.53 -5.28
N ARG A 30 0.29 0.92 -5.49
CA ARG A 30 1.27 0.91 -4.42
C ARG A 30 0.96 1.95 -3.31
N GLY A 31 1.88 2.13 -2.38
CA GLY A 31 1.67 3.07 -1.28
C GLY A 31 1.63 4.56 -1.63
N GLY A 32 2.50 5.03 -2.50
CA GLY A 32 2.43 6.46 -2.93
C GLY A 32 3.37 7.47 -2.25
N SER A 33 4.08 8.20 -3.10
CA SER A 33 4.99 9.26 -2.67
C SER A 33 5.43 9.93 -3.95
N GLY A 34 6.11 11.07 -3.83
CA GLY A 34 6.57 11.79 -5.00
C GLY A 34 5.47 12.60 -5.67
N THR A 35 5.76 13.11 -6.86
CA THR A 35 4.79 13.90 -7.63
C THR A 35 4.04 13.07 -8.69
N PRO A 36 2.71 13.23 -8.80
CA PRO A 36 1.93 12.50 -9.79
C PRO A 36 2.53 12.73 -11.17
N ILE A 37 2.26 11.84 -12.10
CA ILE A 37 2.81 12.02 -13.44
C ILE A 37 1.73 12.41 -14.45
N ASP A 38 0.48 12.17 -14.09
CA ASP A 38 -0.65 12.52 -14.94
C ASP A 38 -1.95 12.57 -14.15
N ASP A 39 -3.01 12.98 -14.82
CA ASP A 39 -4.32 13.08 -14.18
C ASP A 39 -4.71 11.77 -13.51
N LEU A 40 -4.46 10.65 -14.17
CA LEU A 40 -4.81 9.37 -13.60
C LEU A 40 -4.06 9.10 -12.32
N ASP A 41 -2.75 9.30 -12.36
CA ASP A 41 -1.96 9.05 -11.17
C ASP A 41 -2.45 9.98 -10.08
N ARG A 42 -2.84 11.20 -10.45
CA ARG A 42 -3.35 12.15 -9.46
C ARG A 42 -4.62 11.62 -8.81
N CYS A 43 -5.47 10.96 -9.61
CA CYS A 43 -6.72 10.40 -9.08
C CYS A 43 -6.40 9.53 -7.88
N CYS A 44 -5.39 8.68 -8.06
CA CYS A 44 -4.96 7.75 -7.02
C CYS A 44 -4.46 8.48 -5.79
N GLN A 45 -3.79 9.61 -5.98
CA GLN A 45 -3.30 10.36 -4.83
C GLN A 45 -4.49 10.76 -3.97
N VAL A 46 -5.49 11.36 -4.60
CA VAL A 46 -6.69 11.78 -3.91
C VAL A 46 -7.38 10.61 -3.19
N HIS A 47 -7.24 9.42 -3.76
CA HIS A 47 -7.86 8.23 -3.18
C HIS A 47 -7.08 7.84 -1.93
N ASP A 48 -5.76 8.04 -1.99
CA ASP A 48 -4.89 7.74 -0.87
C ASP A 48 -5.29 8.62 0.30
N ASN A 49 -5.23 9.94 0.09
CA ASN A 49 -5.59 10.90 1.12
C ASN A 49 -7.01 10.66 1.65
N CYS A 50 -7.93 10.28 0.76
CA CYS A 50 -9.32 10.03 1.15
C CYS A 50 -9.35 8.91 2.19
N TYR A 51 -8.64 7.84 1.92
CA TYR A 51 -8.58 6.70 2.83
C TYR A 51 -7.93 7.10 4.16
N ASN A 52 -6.85 7.90 4.10
CA ASN A 52 -6.16 8.32 5.33
C ASN A 52 -7.10 9.16 6.20
N SER A 53 -8.08 9.79 5.56
CA SER A 53 -9.05 10.61 6.27
C SER A 53 -10.14 9.70 6.84
N ALA A 54 -10.29 8.52 6.25
CA ALA A 54 -11.27 7.53 6.68
C ALA A 54 -10.76 6.76 7.88
N ARG A 55 -9.45 6.85 8.13
CA ARG A 55 -8.85 6.16 9.27
C ARG A 55 -9.07 7.00 10.54
N GLU A 56 -9.37 8.29 10.37
CA GLU A 56 -9.60 9.19 11.50
C GLU A 56 -10.78 8.71 12.32
N GLN A 57 -11.50 7.70 11.82
CA GLN A 57 -12.66 7.16 12.51
C GLN A 57 -12.31 5.84 13.20
N GLY A 58 -12.70 5.74 14.47
CA GLY A 58 -12.42 4.55 15.26
C GLY A 58 -12.77 3.26 14.54
N GLY A 59 -11.85 2.30 14.61
CA GLY A 59 -12.05 1.00 13.99
C GLY A 59 -12.51 1.04 12.54
N CYS A 60 -12.01 2.01 11.77
CA CYS A 60 -12.39 2.13 10.37
C CYS A 60 -11.21 1.81 9.45
N ARG A 61 -11.28 0.65 8.82
CA ARG A 61 -10.23 0.22 7.89
C ARG A 61 -10.83 0.07 6.51
N PRO A 62 -10.59 1.05 5.64
CA PRO A 62 -11.10 1.07 4.25
C PRO A 62 -10.91 -0.23 3.49
N LYS A 63 -9.70 -0.75 3.52
CA LYS A 63 -9.39 -1.97 2.81
C LYS A 63 -10.25 -3.18 3.17
N GLN A 64 -10.51 -3.37 4.46
CA GLN A 64 -11.31 -4.52 4.91
C GLN A 64 -12.80 -4.22 5.07
N LYS A 65 -13.16 -2.95 5.22
CA LYS A 65 -14.56 -2.58 5.43
C LYS A 65 -15.50 -2.81 4.27
N THR A 66 -16.67 -3.36 4.58
CA THR A 66 -17.68 -3.63 3.58
C THR A 66 -18.76 -2.54 3.61
N TYR A 67 -19.21 -2.13 2.43
CA TYR A 67 -20.24 -1.11 2.33
C TYR A 67 -21.26 -1.54 1.31
N SER A 68 -22.32 -0.76 1.16
CA SER A 68 -23.33 -1.10 0.17
C SER A 68 -23.32 -0.05 -0.93
N TYR A 69 -23.12 -0.52 -2.16
CA TYR A 69 -23.08 0.35 -3.31
C TYR A 69 -23.79 -0.33 -4.49
N GLU A 70 -24.12 0.46 -5.51
CA GLU A 70 -24.76 -0.06 -6.69
C GLU A 70 -24.02 0.44 -7.91
N CYS A 71 -23.88 -0.41 -8.91
CA CYS A 71 -23.27 0.00 -10.17
C CYS A 71 -24.29 -0.38 -11.21
N LYS A 72 -25.00 0.63 -11.67
CA LYS A 72 -26.00 0.40 -12.64
C LYS A 72 -25.68 1.28 -13.83
N ALA A 73 -25.96 0.68 -15.00
CA ALA A 73 -25.60 1.36 -16.21
C ALA A 73 -24.16 1.74 -15.92
N GLY A 74 -23.73 2.98 -16.15
CA GLY A 74 -22.35 3.34 -15.80
C GLY A 74 -22.32 4.14 -14.49
N THR A 75 -23.47 4.23 -13.83
CA THR A 75 -23.59 4.99 -12.57
C THR A 75 -23.26 4.30 -11.26
N LEU A 76 -22.44 4.96 -10.44
CA LEU A 76 -22.11 4.41 -9.15
C LEU A 76 -22.94 5.16 -8.13
N SER A 77 -23.35 4.46 -7.09
CA SER A 77 -24.15 5.04 -6.03
C SER A 77 -23.90 4.33 -4.72
N CYS A 78 -23.65 5.11 -3.68
CA CYS A 78 -23.44 4.53 -2.36
C CYS A 78 -24.76 4.69 -1.65
N SER A 79 -25.32 3.56 -1.24
CA SER A 79 -26.60 3.52 -0.56
C SER A 79 -26.65 4.22 0.79
N GLY A 80 -27.79 4.82 1.11
CA GLY A 80 -27.96 5.52 2.37
C GLY A 80 -27.80 4.58 3.56
N SER A 81 -28.03 3.30 3.31
CA SER A 81 -27.94 2.25 4.31
C SER A 81 -26.49 2.05 4.76
N ASN A 82 -25.74 3.12 4.96
CA ASN A 82 -24.34 3.00 5.37
C ASN A 82 -23.94 3.82 6.60
N ASN A 83 -23.27 3.18 7.56
CA ASN A 83 -22.83 3.91 8.75
C ASN A 83 -21.72 4.87 8.32
N SER A 84 -21.20 5.64 9.27
CA SER A 84 -20.16 6.62 8.98
C SER A 84 -18.95 6.09 8.20
N CYS A 85 -18.25 5.12 8.77
CA CYS A 85 -17.08 4.56 8.09
C CYS A 85 -17.42 4.11 6.67
N ALA A 86 -18.30 3.12 6.54
CA ALA A 86 -18.67 2.60 5.22
C ALA A 86 -19.04 3.72 4.29
N ALA A 87 -19.89 4.63 4.76
CA ALA A 87 -20.34 5.75 3.94
C ALA A 87 -19.20 6.59 3.36
N THR A 88 -18.11 6.74 4.10
CA THR A 88 -16.97 7.55 3.66
C THR A 88 -16.02 6.79 2.74
N VAL A 89 -15.79 5.52 3.07
CA VAL A 89 -14.92 4.66 2.27
C VAL A 89 -15.55 4.48 0.89
N CYS A 90 -16.86 4.23 0.88
CA CYS A 90 -17.60 4.04 -0.36
C CYS A 90 -17.43 5.28 -1.20
N ASP A 91 -17.80 6.43 -0.64
CA ASP A 91 -17.66 7.70 -1.35
C ASP A 91 -16.24 7.83 -1.92
N CYS A 92 -15.24 7.41 -1.15
CA CYS A 92 -13.87 7.48 -1.64
C CYS A 92 -13.71 6.70 -2.94
N ASP A 93 -14.13 5.44 -2.91
CA ASP A 93 -14.02 4.57 -4.06
C ASP A 93 -14.84 5.10 -5.24
N ARG A 94 -16.04 5.55 -4.95
CA ARG A 94 -16.92 6.09 -5.98
C ARG A 94 -16.22 7.20 -6.77
N LEU A 95 -15.67 8.17 -6.04
CA LEU A 95 -14.99 9.29 -6.67
C LEU A 95 -13.75 8.84 -7.41
N ALA A 96 -13.06 7.84 -6.86
CA ALA A 96 -11.86 7.32 -7.48
C ALA A 96 -12.19 6.69 -8.83
N ALA A 97 -13.18 5.80 -8.81
CA ALA A 97 -13.64 5.10 -10.01
C ALA A 97 -14.08 6.06 -11.12
N ILE A 98 -14.82 7.09 -10.75
CA ILE A 98 -15.30 8.07 -11.71
C ILE A 98 -14.13 8.82 -12.32
N CYS A 99 -13.13 9.09 -11.48
CA CYS A 99 -11.93 9.79 -11.89
C CYS A 99 -11.17 8.92 -12.87
N PHE A 100 -11.24 7.61 -12.68
CA PHE A 100 -10.54 6.69 -13.58
C PHE A 100 -11.16 6.68 -14.97
N ALA A 101 -12.48 6.83 -15.04
CA ALA A 101 -13.18 6.84 -16.32
C ALA A 101 -12.80 8.03 -17.21
N GLY A 102 -12.57 9.19 -16.61
CA GLY A 102 -12.22 10.37 -17.39
C GLY A 102 -10.75 10.56 -17.71
N ALA A 103 -9.88 10.20 -16.76
CA ALA A 103 -8.44 10.33 -16.94
C ALA A 103 -7.92 9.45 -18.07
N PRO A 104 -7.02 9.99 -18.89
CA PRO A 104 -6.49 9.21 -20.00
C PRO A 104 -5.48 8.23 -19.45
N TYR A 105 -5.38 7.06 -20.05
CA TYR A 105 -4.43 6.06 -19.60
C TYR A 105 -3.19 6.11 -20.48
N ASN A 106 -2.02 6.25 -19.86
CA ASN A 106 -0.76 6.32 -20.58
C ASN A 106 0.06 5.10 -20.25
N ASP A 107 0.40 4.29 -21.25
CA ASP A 107 1.19 3.09 -21.01
C ASP A 107 2.61 3.35 -20.54
N ASN A 108 3.18 4.46 -20.97
CA ASN A 108 4.53 4.79 -20.56
C ASN A 108 4.56 5.01 -19.05
N ASN A 109 3.40 5.28 -18.47
CA ASN A 109 3.29 5.52 -17.03
C ASN A 109 2.80 4.30 -16.25
N TYR A 110 3.06 3.12 -16.79
CA TYR A 110 2.65 1.88 -16.13
C TYR A 110 3.89 1.09 -15.77
N ASN A 111 3.98 0.69 -14.50
CA ASN A 111 5.13 -0.07 -14.00
C ASN A 111 6.42 0.70 -14.31
N ILE A 112 6.51 1.91 -13.79
CA ILE A 112 7.67 2.74 -14.00
C ILE A 112 8.66 2.56 -12.85
N ASP A 113 9.92 2.92 -13.11
CA ASP A 113 10.92 2.79 -12.07
C ASP A 113 10.73 3.91 -11.04
N LEU A 114 10.11 3.54 -9.92
CA LEU A 114 9.81 4.48 -8.84
C LEU A 114 11.00 5.27 -8.31
N LYS A 115 12.06 4.55 -7.95
CA LYS A 115 13.25 5.19 -7.42
C LYS A 115 13.70 6.38 -8.26
N ALA A 116 13.55 6.30 -9.57
CA ALA A 116 13.96 7.37 -10.47
C ALA A 116 12.87 8.38 -10.80
N ARG A 117 11.62 7.95 -10.63
CA ARG A 117 10.49 8.80 -11.04
C ARG A 117 9.69 9.52 -9.97
N CYS A 118 9.71 9.02 -8.74
CA CYS A 118 8.88 9.62 -7.68
C CYS A 118 9.57 10.52 -6.66
N GLN A 119 10.47 9.98 -5.85
CA GLN A 119 11.17 10.81 -4.87
C GLN A 119 10.26 11.55 -3.89
N ASN B 1 5.13 4.08 11.51
CA ASN B 1 5.87 5.25 10.97
C ASN B 1 6.66 4.75 9.80
N ARG B 2 6.13 5.05 8.64
CA ARG B 2 6.78 4.55 7.47
C ARG B 2 8.17 5.07 7.36
N TRP B 3 8.43 6.21 7.93
CA TRP B 3 9.75 6.77 7.87
C TRP B 3 10.79 6.00 8.69
N GLN B 4 10.43 5.66 9.93
CA GLN B 4 11.32 4.94 10.83
C GLN B 4 11.69 3.58 10.23
N PHE B 5 10.78 3.00 9.47
CA PHE B 5 11.02 1.72 8.82
C PHE B 5 12.09 1.88 7.76
N LYS B 6 12.18 3.07 7.18
CA LYS B 6 13.18 3.36 6.16
C LYS B 6 14.54 3.43 6.82
N ASN B 7 14.60 4.07 7.99
CA ASN B 7 15.84 4.20 8.73
C ASN B 7 16.33 2.84 9.13
N MET B 8 15.42 1.95 9.50
CA MET B 8 15.82 0.62 9.91
C MET B 8 16.53 -0.13 8.77
N ILE B 9 15.89 -0.16 7.60
CA ILE B 9 16.45 -0.81 6.43
C ILE B 9 17.88 -0.31 6.18
N SER B 10 18.10 0.98 6.44
CA SER B 10 19.42 1.58 6.23
C SER B 10 20.38 1.14 7.31
N CYS B 11 19.83 0.96 8.50
CA CYS B 11 20.59 0.55 9.65
C CYS B 11 21.09 -0.88 9.50
N THR B 12 20.53 -1.63 8.57
CA THR B 12 20.94 -3.02 8.36
C THR B 12 21.48 -3.27 6.96
N VAL B 13 20.97 -2.53 5.99
CA VAL B 13 21.41 -2.68 4.60
C VAL B 13 21.80 -1.30 4.10
N PRO B 14 22.91 -0.76 4.62
CA PRO B 14 23.43 0.56 4.27
C PRO B 14 23.71 0.70 2.79
N SER B 15 24.01 -0.41 2.14
CA SER B 15 24.32 -0.44 0.72
C SER B 15 23.11 -0.24 -0.21
N ARG B 16 21.93 -0.07 0.36
CA ARG B 16 20.75 0.13 -0.46
C ARG B 16 19.83 1.16 0.17
N SER B 17 18.77 1.49 -0.57
CA SER B 17 17.80 2.47 -0.12
C SER B 17 16.49 1.73 -0.06
N TRP B 18 15.51 2.27 0.66
CA TRP B 18 14.23 1.59 0.73
C TRP B 18 13.61 1.49 -0.66
N TRP B 19 13.98 2.40 -1.56
CA TRP B 19 13.43 2.36 -2.90
C TRP B 19 13.65 1.01 -3.55
N ASP B 20 14.79 0.38 -3.27
CA ASP B 20 15.09 -0.92 -3.86
C ASP B 20 14.07 -1.97 -3.39
N PHE B 21 13.40 -1.66 -2.30
CA PHE B 21 12.39 -2.56 -1.74
C PHE B 21 10.99 -2.01 -2.00
N ALA B 22 10.92 -0.79 -2.51
CA ALA B 22 9.64 -0.13 -2.80
C ALA B 22 8.87 -0.84 -3.91
N ASP B 23 9.58 -1.55 -4.77
CA ASP B 23 8.97 -2.23 -5.88
C ASP B 23 9.75 -3.46 -6.23
N TYR B 24 9.53 -4.48 -5.46
CA TYR B 24 10.25 -5.69 -5.65
C TYR B 24 9.36 -6.85 -5.39
N GLY B 25 9.33 -7.79 -6.32
CA GLY B 25 8.51 -8.97 -6.18
C GLY B 25 7.04 -8.65 -6.19
N CYS B 26 6.30 -9.49 -5.49
CA CYS B 26 4.85 -9.37 -5.43
C CYS B 26 4.33 -8.75 -4.15
N TYR B 27 5.13 -8.80 -3.10
CA TYR B 27 4.70 -8.26 -1.83
C TYR B 27 5.42 -7.05 -1.30
N CYS B 28 6.67 -6.82 -1.70
CA CYS B 28 7.36 -5.64 -1.21
C CYS B 28 6.66 -4.46 -1.88
N GLY B 29 6.80 -3.29 -1.28
CA GLY B 29 6.13 -2.13 -1.82
C GLY B 29 4.91 -1.92 -0.97
N ARG B 30 3.79 -2.57 -1.28
CA ARG B 30 2.61 -2.40 -0.43
C ARG B 30 1.66 -3.61 -0.57
N GLY B 31 0.73 -3.57 -1.53
CA GLY B 31 -0.22 -4.67 -1.69
C GLY B 31 0.35 -5.96 -2.28
N GLY B 32 0.21 -7.05 -1.56
CA GLY B 32 0.71 -8.33 -2.05
C GLY B 32 -0.35 -9.15 -2.77
N SER B 33 0.12 -10.19 -3.47
CA SER B 33 -0.76 -11.06 -4.23
C SER B 33 0.11 -12.10 -4.92
N GLY B 34 -0.42 -13.32 -5.05
CA GLY B 34 0.34 -14.37 -5.71
C GLY B 34 1.41 -15.04 -4.85
N THR B 35 2.35 -15.69 -5.51
CA THR B 35 3.44 -16.40 -4.84
C THR B 35 4.63 -15.44 -4.62
N PRO B 36 5.16 -15.41 -3.39
CA PRO B 36 6.29 -14.56 -3.00
C PRO B 36 7.42 -14.39 -4.01
N VAL B 37 7.59 -15.34 -4.93
CA VAL B 37 8.64 -15.12 -5.92
C VAL B 37 10.04 -15.14 -5.32
N ASP B 38 10.18 -14.86 -4.03
CA ASP B 38 11.52 -14.80 -3.48
C ASP B 38 11.59 -14.77 -1.96
N ASP B 39 12.74 -15.18 -1.42
CA ASP B 39 12.95 -15.18 0.02
C ASP B 39 12.84 -13.75 0.51
N LEU B 40 13.49 -12.85 -0.21
CA LEU B 40 13.44 -11.44 0.13
C LEU B 40 11.98 -11.02 0.08
N ASP B 41 11.29 -11.36 -1.00
CA ASP B 41 9.90 -11.00 -1.15
C ASP B 41 9.09 -11.63 -0.03
N ARG B 42 9.42 -12.88 0.30
CA ARG B 42 8.73 -13.60 1.37
C ARG B 42 8.79 -12.78 2.65
N CYS B 43 9.89 -12.05 2.82
CA CYS B 43 10.10 -11.18 3.97
C CYS B 43 9.01 -10.13 4.01
N CYS B 44 8.80 -9.49 2.87
CA CYS B 44 7.79 -8.46 2.73
C CYS B 44 6.38 -8.98 3.00
N GLN B 45 6.09 -10.17 2.52
CA GLN B 45 4.76 -10.76 2.72
C GLN B 45 4.53 -10.91 4.22
N VAL B 46 5.54 -11.43 4.91
CA VAL B 46 5.45 -11.62 6.34
C VAL B 46 5.25 -10.27 7.00
N HIS B 47 5.92 -9.26 6.47
CA HIS B 47 5.79 -7.91 7.01
C HIS B 47 4.35 -7.43 6.91
N ASP B 48 3.64 -7.85 5.87
CA ASP B 48 2.25 -7.45 5.74
C ASP B 48 1.40 -8.13 6.80
N ASN B 49 1.49 -9.45 6.88
CA ASN B 49 0.75 -10.22 7.87
C ASN B 49 0.93 -9.59 9.24
N CYS B 50 2.16 -9.19 9.52
CA CYS B 50 2.51 -8.58 10.77
C CYS B 50 1.67 -7.31 10.99
N TYR B 51 1.56 -6.49 9.96
CA TYR B 51 0.77 -5.29 10.08
C TYR B 51 -0.69 -5.62 10.23
N ASN B 52 -1.16 -6.60 9.47
CA ASN B 52 -2.55 -7.00 9.57
C ASN B 52 -2.86 -7.38 11.01
N GLU B 53 -1.93 -8.07 11.66
CA GLU B 53 -2.14 -8.43 13.06
C GLU B 53 -2.15 -7.17 13.92
N ALA B 54 -1.09 -6.37 13.83
CA ALA B 54 -0.98 -5.15 14.61
C ALA B 54 -2.18 -4.23 14.45
N GLU B 55 -2.86 -4.34 13.31
CA GLU B 55 -4.02 -3.50 13.06
C GLU B 55 -5.25 -3.88 13.86
N LYS B 56 -5.24 -5.08 14.46
CA LYS B 56 -6.36 -5.51 15.26
C LYS B 56 -6.39 -4.67 16.53
N ILE B 57 -5.23 -4.15 16.93
CA ILE B 57 -5.16 -3.30 18.12
C ILE B 57 -5.94 -2.01 17.85
N SER B 58 -6.78 -1.64 18.81
CA SER B 58 -7.63 -0.45 18.71
C SER B 58 -6.95 0.83 18.21
N GLY B 59 -7.42 1.34 17.08
CA GLY B 59 -6.88 2.56 16.51
C GLY B 59 -5.41 2.56 16.15
N CYS B 60 -4.81 1.38 16.03
CA CYS B 60 -3.39 1.27 15.69
C CYS B 60 -3.15 1.42 14.18
N ASN B 61 -2.49 2.52 13.82
CA ASN B 61 -2.17 2.82 12.43
C ASN B 61 -0.69 2.57 12.22
N PRO B 62 -0.32 1.34 11.86
CA PRO B 62 1.08 0.94 11.64
C PRO B 62 1.91 1.93 10.84
N ARG B 63 1.32 2.44 9.76
CA ARG B 63 2.01 3.38 8.88
C ARG B 63 2.38 4.72 9.55
N PHE B 64 1.49 5.24 10.39
CA PHE B 64 1.75 6.52 11.04
C PHE B 64 2.20 6.47 12.50
N ARG B 65 2.12 5.31 13.13
CA ARG B 65 2.52 5.24 14.51
C ARG B 65 4.03 5.48 14.70
N THR B 66 4.38 6.46 15.52
CA THR B 66 5.78 6.75 15.78
C THR B 66 6.19 5.98 17.03
N TYR B 67 7.05 5.00 16.85
CA TYR B 67 7.51 4.20 17.96
C TYR B 67 8.87 4.67 18.41
N SER B 68 9.41 4.01 19.42
CA SER B 68 10.73 4.32 19.97
C SER B 68 11.69 3.15 19.78
N TYR B 69 12.87 3.43 19.24
CA TYR B 69 13.88 2.41 19.01
C TYR B 69 15.24 3.09 18.85
N GLU B 70 16.29 2.29 18.70
CA GLU B 70 17.61 2.84 18.47
C GLU B 70 18.45 1.89 17.63
N CYS B 71 19.20 2.47 16.69
CA CYS B 71 20.06 1.72 15.81
C CYS B 71 21.50 2.01 16.18
N THR B 72 22.18 1.02 16.74
CA THR B 72 23.56 1.16 17.16
C THR B 72 24.45 0.16 16.43
N ALA B 73 25.32 0.67 15.56
CA ALA B 73 26.24 -0.19 14.83
C ALA B 73 25.54 -1.41 14.26
N GLY B 74 24.60 -1.17 13.36
CA GLY B 74 23.87 -2.27 12.72
C GLY B 74 22.78 -2.96 13.53
N THR B 75 22.83 -2.81 14.86
CA THR B 75 21.85 -3.45 15.72
C THR B 75 20.56 -2.68 15.96
N LEU B 76 19.44 -3.34 15.70
CA LEU B 76 18.12 -2.74 15.90
C LEU B 76 17.51 -3.17 17.23
N THR B 77 16.98 -2.21 17.97
CA THR B 77 16.35 -2.50 19.25
C THR B 77 15.09 -1.67 19.48
N CYS B 78 13.97 -2.33 19.74
CA CYS B 78 12.75 -1.59 20.02
C CYS B 78 12.79 -1.36 21.52
N THR B 79 12.68 -0.11 21.94
CA THR B 79 12.72 0.20 23.36
C THR B 79 11.40 -0.05 24.08
N GLY B 80 11.47 -0.11 25.40
CA GLY B 80 10.28 -0.38 26.21
C GLY B 80 9.25 0.74 26.39
N ARG B 81 9.66 2.00 26.26
CA ARG B 81 8.73 3.10 26.44
C ARG B 81 7.54 3.13 25.45
N ASN B 82 7.44 2.11 24.60
CA ASN B 82 6.34 2.01 23.65
C ASN B 82 5.13 1.36 24.36
N ASN B 83 3.94 1.59 23.81
CA ASN B 83 2.72 1.02 24.33
C ASN B 83 2.39 -0.18 23.42
N ALA B 84 1.24 -0.83 23.64
CA ALA B 84 0.84 -2.00 22.85
C ALA B 84 1.06 -1.87 21.33
N CYS B 85 0.45 -0.84 20.74
CA CYS B 85 0.53 -0.57 19.30
C CYS B 85 1.94 -0.27 18.83
N ALA B 86 2.58 0.73 19.41
CA ALA B 86 3.93 1.09 19.00
C ALA B 86 4.87 -0.10 19.11
N ALA B 87 4.70 -0.87 20.19
CA ALA B 87 5.56 -2.02 20.45
C ALA B 87 5.43 -3.08 19.38
N SER B 88 4.18 -3.38 19.02
CA SER B 88 3.91 -4.37 18.01
C SER B 88 4.48 -3.98 16.66
N VAL B 89 4.18 -2.76 16.23
CA VAL B 89 4.65 -2.24 14.95
C VAL B 89 6.15 -2.17 14.89
N CYS B 90 6.76 -1.69 15.97
CA CYS B 90 8.21 -1.57 15.97
C CYS B 90 8.85 -2.91 15.71
N ASP B 91 8.27 -3.94 16.28
CA ASP B 91 8.81 -5.27 16.14
C ASP B 91 8.71 -5.78 14.72
N CYS B 92 7.61 -5.45 14.05
CA CYS B 92 7.38 -5.86 12.67
C CYS B 92 8.48 -5.31 11.78
N ASP B 93 8.67 -4.00 11.82
CA ASP B 93 9.66 -3.33 11.01
C ASP B 93 11.02 -3.91 11.36
N ARG B 94 11.27 -4.01 12.65
CA ARG B 94 12.54 -4.53 13.15
C ARG B 94 12.87 -5.89 12.56
N LEU B 95 11.91 -6.81 12.55
CA LEU B 95 12.15 -8.13 12.00
C LEU B 95 12.26 -8.12 10.48
N ALA B 96 11.62 -7.15 9.84
CA ALA B 96 11.70 -7.06 8.39
C ALA B 96 13.11 -6.66 7.98
N ALA B 97 13.62 -5.60 8.60
CA ALA B 97 14.97 -5.12 8.30
C ALA B 97 16.01 -6.23 8.45
N ILE B 98 15.85 -7.09 9.45
CA ILE B 98 16.79 -8.19 9.63
C ILE B 98 16.62 -9.20 8.51
N CYS B 99 15.36 -9.50 8.19
CA CYS B 99 15.02 -10.45 7.14
C CYS B 99 15.57 -9.90 5.82
N PHE B 100 15.60 -8.59 5.71
CA PHE B 100 16.09 -7.95 4.51
C PHE B 100 17.60 -8.15 4.38
N ALA B 101 18.33 -7.72 5.41
CA ALA B 101 19.78 -7.81 5.45
C ALA B 101 20.27 -9.24 5.35
N GLY B 102 19.35 -10.19 5.49
CA GLY B 102 19.73 -11.59 5.42
C GLY B 102 19.46 -12.24 4.07
N ALA B 103 18.55 -11.67 3.30
CA ALA B 103 18.19 -12.21 1.98
C ALA B 103 18.94 -11.54 0.83
N PRO B 104 19.22 -12.28 -0.26
CA PRO B 104 19.93 -11.80 -1.44
C PRO B 104 19.02 -10.93 -2.29
N TYR B 105 19.59 -9.88 -2.88
CA TYR B 105 18.84 -8.94 -3.72
C TYR B 105 18.99 -9.30 -5.19
N ASN B 106 17.90 -9.80 -5.78
CA ASN B 106 17.86 -10.21 -7.18
C ASN B 106 17.35 -9.07 -8.07
N ASP B 107 18.25 -8.36 -8.74
CA ASP B 107 17.84 -7.24 -9.61
C ASP B 107 16.73 -7.59 -10.64
N ASN B 108 16.70 -8.83 -11.10
CA ASN B 108 15.70 -9.28 -12.06
C ASN B 108 14.30 -9.22 -11.44
N ASN B 109 14.24 -9.07 -10.13
CA ASN B 109 12.95 -9.03 -9.45
C ASN B 109 12.41 -7.63 -9.13
N TYR B 110 13.22 -6.62 -9.39
CA TYR B 110 12.84 -5.22 -9.26
C TYR B 110 11.77 -5.00 -10.37
N ASN B 111 10.79 -4.11 -10.14
CA ASN B 111 9.81 -3.71 -11.17
C ASN B 111 9.26 -4.81 -12.08
N ILE B 112 8.64 -5.84 -11.61
CA ILE B 112 8.15 -6.87 -12.53
C ILE B 112 6.69 -6.63 -12.91
N ASP B 113 6.18 -7.35 -13.90
CA ASP B 113 4.80 -7.13 -14.28
C ASP B 113 3.91 -7.97 -13.39
N LEU B 114 3.35 -7.32 -12.37
CA LEU B 114 2.48 -7.99 -11.42
C LEU B 114 1.37 -8.73 -12.15
N GLN B 115 0.94 -8.16 -13.28
CA GLN B 115 -0.12 -8.76 -14.07
C GLN B 115 0.32 -10.13 -14.56
N ALA B 116 1.58 -10.28 -14.95
CA ALA B 116 2.04 -11.58 -15.44
C ALA B 116 3.17 -12.14 -14.58
N ARG B 117 2.90 -12.24 -13.28
CA ARG B 117 3.90 -12.75 -12.36
C ARG B 117 3.35 -13.03 -10.95
N CYS B 118 2.31 -12.29 -10.58
CA CYS B 118 1.71 -12.40 -9.25
C CYS B 118 0.23 -12.86 -9.23
N ASN B 119 -0.21 -13.45 -10.33
CA ASN B 119 -1.56 -13.96 -10.37
C ASN B 119 -1.55 -15.21 -9.52
ZN ZN C . 6.37 -1.51 -10.66
C ACY D . -19.12 4.90 -19.54
O ACY D . -20.21 5.23 -20.23
OXT ACY D . -18.05 5.61 -19.34
CH3 ACY D . -19.20 3.49 -18.93
C ACY E . -5.13 3.35 -2.05
O ACY E . -5.65 2.15 -2.12
OXT ACY E . -5.32 4.31 -2.88
CH3 ACY E . -4.23 3.56 -0.85
#